data_4ND4
#
_entry.id   4ND4
#
_cell.length_a   95.905
_cell.length_b   95.905
_cell.length_c   185.723
_cell.angle_alpha   90.00
_cell.angle_beta   90.00
_cell.angle_gamma   120.00
#
_symmetry.space_group_name_H-M   'P 32 2 1'
#
loop_
_entity.id
_entity.type
_entity.pdbx_description
1 polymer 'Lactate dehydrogenase, adjacent gene encodes predicted malate dehydrogenase'
2 non-polymer NICOTINAMIDE-ADENINE-DINUCLEOTIDE
3 non-polymer 'PYRUVIC ACID'
4 non-polymer GLYCEROL
5 water water
#
_entity_poly.entity_id   1
_entity_poly.type   'polypeptide(L)'
_entity_poly.pdbx_seq_one_letter_code
;MIERRKIAVIGSGQIGGNIAYIVGKDNLADVVLFDIAEGIPQGKALDITHSMVMFGSTSKVIGTNDYADISGSDVVIITA
SIPGRPKDDRSELLFGNARILDSVAEGVKKYCPNAFVICITNPLDVMVSHFQKVSGLPHNKVCGMAGVLDSSRFRTFIAQ
HFGVNASDVSANVIGGHGDGMVPATSSVSVGGVPLSSFIKQGLITQEQIDEIVCHTRIAWKEVADNLKTGTAYFAPAAAA
VKMAEAYLKDKKAVVPCSAFCSNHYGVKGIYMGVPTIIGKNGVEDILELDLTPLEQKLLGESINEVNTISKVLDNAPAAG
A
;
_entity_poly.pdbx_strand_id   A,B
#
# COMPACT_ATOMS: atom_id res chain seq x y z
N MET A 1 -17.13 -10.51 26.20
CA MET A 1 -16.37 -9.25 25.95
C MET A 1 -15.86 -9.20 24.52
N ILE A 2 -16.23 -8.15 23.81
CA ILE A 2 -15.69 -7.85 22.49
C ILE A 2 -14.24 -7.37 22.67
N GLU A 3 -13.29 -8.10 22.08
CA GLU A 3 -11.91 -7.65 21.99
C GLU A 3 -11.60 -7.39 20.53
N ARG A 4 -10.83 -6.33 20.25
CA ARG A 4 -10.41 -6.03 18.88
C ARG A 4 -9.61 -7.20 18.34
N ARG A 5 -9.72 -7.46 17.04
CA ARG A 5 -8.87 -8.44 16.38
C ARG A 5 -7.45 -7.88 16.32
N LYS A 6 -6.46 -8.75 16.41
CA LYS A 6 -5.06 -8.33 16.46
C LYS A 6 -4.20 -9.19 15.54
N ILE A 7 -3.48 -8.53 14.63
CA ILE A 7 -2.55 -9.20 13.74
C ILE A 7 -1.12 -8.74 14.03
N ALA A 8 -0.24 -9.69 14.28
CA ALA A 8 1.18 -9.40 14.44
C ALA A 8 1.90 -9.65 13.12
N VAL A 9 2.60 -8.63 12.62
CA VAL A 9 3.44 -8.74 11.44
C VAL A 9 4.91 -8.76 11.83
N ILE A 10 5.54 -9.94 11.69
CA ILE A 10 6.93 -10.13 12.10
C ILE A 10 7.84 -9.87 10.90
N GLY A 11 8.48 -8.70 10.90
CA GLY A 11 9.28 -8.24 9.78
C GLY A 11 8.54 -7.11 9.12
N SER A 12 9.10 -5.90 9.19
CA SER A 12 8.41 -4.71 8.73
C SER A 12 9.11 -4.08 7.53
N GLY A 13 9.57 -4.95 6.63
CA GLY A 13 10.15 -4.51 5.37
C GLY A 13 9.07 -4.24 4.33
N GLN A 14 9.38 -4.54 3.08
CA GLN A 14 8.50 -4.18 1.96
C GLN A 14 7.11 -4.80 2.09
N ILE A 15 7.05 -6.10 2.34
CA ILE A 15 5.77 -6.81 2.43
C ILE A 15 5.05 -6.46 3.74
N GLY A 16 5.79 -6.53 4.85
CA GLY A 16 5.25 -6.25 6.17
C GLY A 16 4.52 -4.91 6.29
N GLY A 17 5.11 -3.87 5.71
CA GLY A 17 4.52 -2.53 5.76
C GLY A 17 3.23 -2.44 4.98
N ASN A 18 3.19 -3.08 3.81
CA ASN A 18 1.97 -3.13 3.00
C ASN A 18 0.85 -3.89 3.68
N ILE A 19 1.18 -4.98 4.36
CA ILE A 19 0.16 -5.74 5.08
C ILE A 19 -0.50 -4.84 6.12
N ALA A 20 0.31 -4.15 6.92
CA ALA A 20 -0.20 -3.26 7.96
C ALA A 20 -1.09 -2.17 7.37
N TYR A 21 -0.66 -1.65 6.23
CA TYR A 21 -1.36 -0.59 5.51
C TYR A 21 -2.75 -1.06 5.08
N ILE A 22 -2.82 -2.24 4.46
CA ILE A 22 -4.09 -2.77 3.95
C ILE A 22 -5.03 -3.24 5.07
N VAL A 23 -4.46 -3.94 6.06
CA VAL A 23 -5.23 -4.36 7.24
C VAL A 23 -5.87 -3.14 7.91
N GLY A 24 -5.07 -2.10 8.11
CA GLY A 24 -5.56 -0.86 8.70
C GLY A 24 -6.60 -0.20 7.83
N LYS A 25 -6.34 -0.11 6.53
CA LYS A 25 -7.32 0.45 5.60
C LYS A 25 -8.67 -0.26 5.69
N ASP A 26 -8.64 -1.59 5.74
CA ASP A 26 -9.87 -2.38 5.79
C ASP A 26 -10.51 -2.43 7.19
N ASN A 27 -9.80 -1.94 8.20
CA ASN A 27 -10.23 -2.09 9.59
C ASN A 27 -10.51 -3.56 9.93
N LEU A 28 -9.65 -4.44 9.42
CA LEU A 28 -9.76 -5.87 9.68
C LEU A 28 -9.30 -6.21 11.09
N ALA A 29 -8.30 -5.46 11.59
CA ALA A 29 -7.72 -5.70 12.90
C ALA A 29 -6.79 -4.55 13.31
N ASP A 30 -6.38 -4.58 14.57
CA ASP A 30 -5.22 -3.82 15.01
C ASP A 30 -3.97 -4.55 14.53
N VAL A 31 -2.91 -3.79 14.28
CA VAL A 31 -1.68 -4.34 13.75
C VAL A 31 -0.50 -4.01 14.68
N VAL A 32 0.34 -5.02 14.92
CA VAL A 32 1.62 -4.83 15.57
C VAL A 32 2.74 -5.14 14.57
N LEU A 33 3.46 -4.11 14.15
CA LEU A 33 4.62 -4.27 13.27
C LEU A 33 5.89 -4.51 14.10
N PHE A 34 6.40 -5.74 14.05
CA PHE A 34 7.61 -6.12 14.75
C PHE A 34 8.80 -6.13 13.80
N ASP A 35 9.93 -5.60 14.27
CA ASP A 35 11.20 -5.72 13.55
C ASP A 35 12.36 -5.55 14.51
N ILE A 36 13.50 -6.17 14.20
CA ILE A 36 14.72 -5.99 14.99
C ILE A 36 15.46 -4.72 14.58
N ALA A 37 15.19 -4.21 13.38
CA ALA A 37 15.83 -2.99 12.90
C ALA A 37 15.22 -1.77 13.57
N GLU A 38 16.08 -0.94 14.15
CA GLU A 38 15.65 0.21 14.94
C GLU A 38 14.96 1.25 14.07
N GLY A 39 13.84 1.78 14.56
CA GLY A 39 13.13 2.88 13.90
C GLY A 39 12.12 2.47 12.82
N ILE A 40 12.48 1.49 11.99
CA ILE A 40 11.70 1.17 10.79
C ILE A 40 10.23 0.86 11.08
N PRO A 41 9.94 -0.13 11.94
CA PRO A 41 8.53 -0.43 12.20
C PRO A 41 7.79 0.76 12.82
N GLN A 42 8.46 1.46 13.73
CA GLN A 42 7.86 2.62 14.40
C GLN A 42 7.53 3.72 13.39
N GLY A 43 8.44 3.97 12.46
CA GLY A 43 8.22 4.97 11.42
C GLY A 43 7.06 4.62 10.49
N LYS A 44 7.01 3.36 10.06
CA LYS A 44 5.93 2.89 9.20
C LYS A 44 4.60 2.92 9.94
N ALA A 45 4.61 2.50 11.21
CA ALA A 45 3.40 2.50 12.02
C ALA A 45 2.82 3.91 12.24
N LEU A 46 3.70 4.88 12.45
CA LEU A 46 3.28 6.28 12.61
C LEU A 46 2.71 6.84 11.31
N ASP A 47 3.40 6.57 10.21
CA ASP A 47 2.95 6.99 8.89
C ASP A 47 1.57 6.40 8.59
N ILE A 48 1.45 5.08 8.78
CA ILE A 48 0.18 4.39 8.53
C ILE A 48 -0.92 4.86 9.49
N THR A 49 -0.57 5.11 10.75
CA THR A 49 -1.51 5.67 11.71
C THR A 49 -2.16 6.95 11.16
N HIS A 50 -1.37 7.85 10.59
CA HIS A 50 -1.88 9.10 10.01
C HIS A 50 -2.88 8.89 8.88
N SER A 51 -2.76 7.77 8.17
CA SER A 51 -3.67 7.45 7.06
C SER A 51 -5.01 6.90 7.52
N MET A 52 -5.10 6.46 8.78
CA MET A 52 -6.30 5.76 9.25
C MET A 52 -7.53 6.64 9.20
N VAL A 53 -7.42 7.87 9.68
CA VAL A 53 -8.53 8.83 9.61
C VAL A 53 -8.94 9.10 8.16
N MET A 54 -8.00 9.04 7.24
CA MET A 54 -8.30 9.26 5.82
C MET A 54 -9.16 8.12 5.27
N PHE A 55 -8.87 6.90 5.70
CA PHE A 55 -9.62 5.71 5.29
C PHE A 55 -10.88 5.50 6.13
N GLY A 56 -11.07 6.30 7.17
CA GLY A 56 -12.20 6.12 8.08
C GLY A 56 -12.09 4.88 8.95
N SER A 57 -10.86 4.41 9.19
CA SER A 57 -10.62 3.24 10.04
C SER A 57 -10.17 3.66 11.43
N THR A 58 -10.57 2.89 12.44
CA THR A 58 -10.12 3.09 13.83
C THR A 58 -9.09 2.05 14.24
N SER A 59 -8.55 1.30 13.28
CA SER A 59 -7.47 0.36 13.56
C SER A 59 -6.28 1.08 14.19
N LYS A 60 -5.71 0.47 15.21
CA LYS A 60 -4.45 0.93 15.79
C LYS A 60 -3.30 0.16 15.17
N VAL A 61 -2.27 0.90 14.74
CA VAL A 61 -1.07 0.32 14.15
C VAL A 61 0.14 0.85 14.90
N ILE A 62 0.87 -0.04 15.57
CA ILE A 62 2.08 0.34 16.31
C ILE A 62 3.31 -0.47 15.87
N GLY A 63 4.49 0.13 16.06
CA GLY A 63 5.76 -0.50 15.75
C GLY A 63 6.49 -0.89 17.03
N THR A 64 7.21 -2.01 16.98
CA THR A 64 7.87 -2.55 18.18
C THR A 64 9.08 -3.41 17.83
N ASN A 65 9.96 -3.58 18.82
CA ASN A 65 11.05 -4.54 18.74
C ASN A 65 10.97 -5.55 19.86
N ASP A 66 9.77 -5.67 20.45
CA ASP A 66 9.58 -6.44 21.67
C ASP A 66 8.47 -7.48 21.47
N TYR A 67 8.84 -8.76 21.60
CA TYR A 67 7.89 -9.85 21.38
C TYR A 67 6.72 -9.85 22.37
N ALA A 68 6.89 -9.22 23.52
CA ALA A 68 5.80 -9.09 24.49
C ALA A 68 4.58 -8.41 23.87
N ASP A 69 4.82 -7.48 22.95
CA ASP A 69 3.74 -6.73 22.29
C ASP A 69 2.88 -7.56 21.32
N ILE A 70 3.30 -8.78 20.97
CA ILE A 70 2.48 -9.64 20.10
C ILE A 70 1.60 -10.61 20.89
N SER A 71 1.59 -10.51 22.22
CA SER A 71 0.73 -11.37 23.03
C SER A 71 -0.75 -11.12 22.70
N GLY A 72 -1.53 -12.19 22.67
CA GLY A 72 -2.94 -12.11 22.33
C GLY A 72 -3.23 -11.94 20.84
N SER A 73 -2.19 -12.06 20.01
CA SER A 73 -2.36 -11.95 18.56
C SER A 73 -3.21 -13.11 18.03
N ASP A 74 -4.24 -12.78 17.26
CA ASP A 74 -5.09 -13.80 16.65
C ASP A 74 -4.38 -14.42 15.44
N VAL A 75 -3.71 -13.57 14.67
CA VAL A 75 -2.95 -14.01 13.51
C VAL A 75 -1.53 -13.47 13.59
N VAL A 76 -0.56 -14.31 13.24
CA VAL A 76 0.83 -13.89 13.12
C VAL A 76 1.28 -14.12 11.69
N ILE A 77 1.75 -13.06 11.03
CA ILE A 77 2.24 -13.16 9.66
C ILE A 77 3.75 -12.94 9.64
N ILE A 78 4.49 -13.95 9.20
CA ILE A 78 5.95 -13.94 9.24
C ILE A 78 6.54 -13.52 7.90
N THR A 79 7.13 -12.33 7.86
CA THR A 79 7.79 -11.81 6.66
C THR A 79 9.31 -11.65 6.84
N ALA A 80 9.82 -11.96 8.03
CA ALA A 80 11.22 -11.70 8.37
C ALA A 80 12.17 -12.48 7.49
N SER A 81 13.23 -11.81 7.04
CA SER A 81 14.18 -12.40 6.10
C SER A 81 15.52 -11.67 6.12
N ILE A 82 16.59 -12.40 5.80
CA ILE A 82 17.91 -11.80 5.61
C ILE A 82 17.87 -10.88 4.39
N PRO A 83 18.79 -9.89 4.32
CA PRO A 83 18.71 -8.92 3.23
C PRO A 83 19.06 -9.48 1.85
N GLY A 84 18.63 -8.77 0.81
CA GLY A 84 19.00 -9.11 -0.57
C GLY A 84 18.01 -10.04 -1.25
N ARG A 85 17.70 -9.74 -2.51
CA ARG A 85 16.84 -10.62 -3.31
C ARG A 85 17.62 -11.86 -3.76
N PRO A 86 16.93 -12.99 -3.93
CA PRO A 86 17.54 -14.16 -4.53
C PRO A 86 17.95 -13.90 -5.98
N LYS A 87 19.10 -14.44 -6.37
CA LYS A 87 19.59 -14.30 -7.74
C LYS A 87 18.77 -15.17 -8.69
N ASP A 88 18.88 -16.49 -8.54
CA ASP A 88 18.24 -17.45 -9.47
C ASP A 88 17.14 -18.28 -8.82
N ASP A 89 17.26 -18.56 -7.53
CA ASP A 89 16.31 -19.43 -6.84
C ASP A 89 16.01 -18.94 -5.43
N ARG A 90 14.76 -19.10 -5.00
CA ARG A 90 14.32 -18.71 -3.66
C ARG A 90 15.04 -19.47 -2.54
N SER A 91 15.62 -20.62 -2.87
CA SER A 91 16.36 -21.45 -1.90
C SER A 91 17.66 -20.82 -1.39
N GLU A 92 18.16 -19.81 -2.09
CA GLU A 92 19.40 -19.14 -1.70
C GLU A 92 19.33 -18.55 -0.28
N LEU A 93 18.12 -18.22 0.18
CA LEU A 93 17.92 -17.66 1.51
C LEU A 93 17.69 -18.73 2.58
N LEU A 94 17.80 -20.00 2.20
CA LEU A 94 17.44 -21.12 3.07
C LEU A 94 18.05 -21.06 4.47
N PHE A 95 19.37 -21.00 4.55
CA PHE A 95 20.07 -21.17 5.83
C PHE A 95 19.83 -19.99 6.77
N GLY A 96 19.92 -18.78 6.24
CA GLY A 96 19.71 -17.58 7.03
C GLY A 96 18.29 -17.45 7.56
N ASN A 97 17.31 -17.66 6.70
CA ASN A 97 15.91 -17.50 7.09
C ASN A 97 15.40 -18.59 8.02
N ALA A 98 15.96 -19.78 7.91
CA ALA A 98 15.68 -20.85 8.87
C ALA A 98 16.06 -20.42 10.31
N ARG A 99 17.21 -19.76 10.44
CA ARG A 99 17.69 -19.33 11.76
C ARG A 99 16.82 -18.21 12.31
N ILE A 100 16.42 -17.27 11.45
CA ILE A 100 15.48 -16.23 11.84
C ILE A 100 14.20 -16.85 12.40
N LEU A 101 13.67 -17.86 11.70
CA LEU A 101 12.41 -18.49 12.11
C LEU A 101 12.53 -19.28 13.41
N ASP A 102 13.72 -19.76 13.74
CA ASP A 102 13.98 -20.34 15.06
C ASP A 102 13.64 -19.31 16.13
N SER A 103 14.17 -18.11 15.97
CA SER A 103 13.93 -17.02 16.91
C SER A 103 12.45 -16.62 16.93
N VAL A 104 11.84 -16.49 15.76
CA VAL A 104 10.43 -16.10 15.67
C VAL A 104 9.55 -17.15 16.35
N ALA A 105 9.91 -18.42 16.18
CA ALA A 105 9.18 -19.52 16.80
C ALA A 105 9.16 -19.40 18.33
N GLU A 106 10.28 -19.01 18.92
CA GLU A 106 10.34 -18.82 20.37
C GLU A 106 9.45 -17.67 20.82
N GLY A 107 9.43 -16.58 20.05
CA GLY A 107 8.56 -15.44 20.35
C GLY A 107 7.09 -15.82 20.35
N VAL A 108 6.66 -16.52 19.30
CA VAL A 108 5.25 -16.91 19.15
C VAL A 108 4.86 -17.92 20.21
N LYS A 109 5.67 -18.96 20.38
CA LYS A 109 5.41 -20.03 21.34
C LYS A 109 5.23 -19.48 22.75
N LYS A 110 5.98 -18.44 23.09
CA LYS A 110 5.92 -17.84 24.42
C LYS A 110 4.76 -16.86 24.59
N TYR A 111 4.49 -16.02 23.58
CA TYR A 111 3.55 -14.91 23.74
C TYR A 111 2.18 -15.09 23.07
N CYS A 112 2.09 -15.87 22.01
CA CYS A 112 0.79 -16.15 21.36
C CYS A 112 0.75 -17.51 20.68
N PRO A 113 0.79 -18.60 21.47
CA PRO A 113 0.80 -19.96 20.93
C PRO A 113 -0.52 -20.42 20.28
N ASN A 114 -1.61 -19.70 20.50
CA ASN A 114 -2.90 -20.03 19.90
C ASN A 114 -3.18 -19.26 18.61
N ALA A 115 -2.19 -18.52 18.13
CA ALA A 115 -2.35 -17.72 16.91
C ALA A 115 -2.37 -18.61 15.66
N PHE A 116 -3.08 -18.14 14.64
CA PHE A 116 -3.00 -18.71 13.30
C PHE A 116 -1.78 -18.10 12.63
N VAL A 117 -0.81 -18.93 12.27
CA VAL A 117 0.45 -18.42 11.71
C VAL A 117 0.48 -18.58 10.20
N ILE A 118 0.70 -17.48 9.50
CA ILE A 118 0.86 -17.47 8.05
C ILE A 118 2.30 -17.08 7.72
N CYS A 119 3.09 -18.06 7.27
CA CYS A 119 4.46 -17.81 6.88
C CYS A 119 4.53 -17.26 5.45
N ILE A 120 5.39 -16.27 5.24
CA ILE A 120 5.65 -15.71 3.90
C ILE A 120 7.11 -15.88 3.49
N THR A 121 8.01 -15.80 4.48
CA THR A 121 9.45 -15.98 4.31
C THR A 121 9.83 -17.12 3.38
N ASN A 122 10.70 -16.83 2.40
CA ASN A 122 11.19 -17.84 1.45
C ASN A 122 12.44 -18.57 1.97
N PRO A 123 12.67 -19.82 1.49
CA PRO A 123 11.84 -20.61 0.57
C PRO A 123 10.59 -21.15 1.26
N LEU A 124 9.43 -20.67 0.80
CA LEU A 124 8.17 -20.77 1.53
C LEU A 124 7.85 -22.13 2.14
N ASP A 125 7.73 -23.16 1.31
CA ASP A 125 7.23 -24.46 1.78
C ASP A 125 8.13 -25.07 2.85
N VAL A 126 9.44 -24.95 2.64
CA VAL A 126 10.41 -25.48 3.61
C VAL A 126 10.41 -24.62 4.88
N MET A 127 10.32 -23.31 4.73
CA MET A 127 10.22 -22.42 5.89
C MET A 127 8.99 -22.71 6.74
N VAL A 128 7.85 -22.95 6.08
CA VAL A 128 6.62 -23.29 6.80
C VAL A 128 6.81 -24.56 7.63
N SER A 129 7.40 -25.57 7.02
CA SER A 129 7.64 -26.86 7.67
C SER A 129 8.61 -26.69 8.84
N HIS A 130 9.67 -25.93 8.62
CA HIS A 130 10.64 -25.64 9.66
C HIS A 130 9.96 -24.96 10.86
N PHE A 131 9.19 -23.92 10.59
CA PHE A 131 8.54 -23.16 11.67
C PHE A 131 7.61 -24.03 12.50
N GLN A 132 6.87 -24.91 11.84
CA GLN A 132 5.92 -25.78 12.55
C GLN A 132 6.65 -26.72 13.49
N LYS A 133 7.76 -27.31 13.03
CA LYS A 133 8.52 -28.24 13.85
C LYS A 133 9.16 -27.55 15.06
N VAL A 134 9.79 -26.40 14.82
CA VAL A 134 10.50 -25.70 15.89
C VAL A 134 9.52 -25.06 16.89
N SER A 135 8.42 -24.50 16.39
CA SER A 135 7.42 -23.85 17.24
C SER A 135 6.57 -24.86 18.02
N GLY A 136 6.28 -26.00 17.40
CA GLY A 136 5.41 -27.01 17.99
C GLY A 136 3.93 -26.68 17.93
N LEU A 137 3.55 -25.70 17.11
CA LEU A 137 2.14 -25.34 16.94
C LEU A 137 1.41 -26.40 16.11
N PRO A 138 0.09 -26.57 16.34
CA PRO A 138 -0.69 -27.53 15.56
C PRO A 138 -0.55 -27.31 14.06
N HIS A 139 -0.50 -28.40 13.30
CA HIS A 139 -0.32 -28.33 11.84
C HIS A 139 -1.38 -27.45 11.16
N ASN A 140 -2.62 -27.56 11.63
CA ASN A 140 -3.73 -26.80 11.06
C ASN A 140 -3.70 -25.31 11.38
N LYS A 141 -2.86 -24.90 12.32
CA LYS A 141 -2.71 -23.50 12.71
C LYS A 141 -1.45 -22.86 12.13
N VAL A 142 -0.72 -23.60 11.29
CA VAL A 142 0.47 -23.08 10.62
C VAL A 142 0.39 -23.40 9.13
N CYS A 143 0.50 -22.35 8.30
CA CYS A 143 0.49 -22.51 6.85
C CYS A 143 1.34 -21.44 6.18
N GLY A 144 1.53 -21.57 4.87
CA GLY A 144 2.34 -20.62 4.12
C GLY A 144 1.57 -19.95 3.00
N MET A 145 1.77 -18.64 2.84
CA MET A 145 1.20 -17.92 1.71
C MET A 145 2.06 -18.18 0.48
N ALA A 146 1.42 -18.70 -0.57
CA ALA A 146 2.09 -18.88 -1.86
C ALA A 146 1.06 -19.11 -2.96
N GLY A 147 0.21 -20.11 -2.76
CA GLY A 147 -0.80 -20.49 -3.73
C GLY A 147 -1.68 -19.34 -4.19
N VAL A 148 -2.12 -18.51 -3.24
CA VAL A 148 -2.95 -17.34 -3.58
C VAL A 148 -2.20 -16.43 -4.55
N LEU A 149 -0.91 -16.21 -4.30
CA LEU A 149 -0.09 -15.38 -5.20
C LEU A 149 0.09 -16.05 -6.57
N ASP A 150 0.48 -17.32 -6.56
CA ASP A 150 0.71 -18.07 -7.80
C ASP A 150 -0.58 -18.20 -8.62
N SER A 151 -1.67 -18.60 -7.96
CA SER A 151 -2.97 -18.74 -8.61
C SER A 151 -3.49 -17.41 -9.14
N SER A 152 -3.31 -16.33 -8.38
CA SER A 152 -3.72 -15.00 -8.82
C SER A 152 -2.99 -14.58 -10.10
N ARG A 153 -1.69 -14.90 -10.16
CA ARG A 153 -0.92 -14.66 -11.38
C ARG A 153 -1.45 -15.51 -12.54
N PHE A 154 -1.64 -16.80 -12.29
CA PHE A 154 -2.18 -17.75 -13.27
C PHE A 154 -3.53 -17.23 -13.79
N ARG A 155 -4.43 -16.90 -12.87
CA ARG A 155 -5.75 -16.35 -13.22
C ARG A 155 -5.66 -15.04 -14.00
N THR A 156 -4.74 -14.18 -13.60
CA THR A 156 -4.58 -12.88 -14.25
C THR A 156 -4.12 -13.02 -15.69
N PHE A 157 -3.19 -13.94 -15.93
CA PHE A 157 -2.65 -14.15 -17.28
C PHE A 157 -3.70 -14.77 -18.20
N ILE A 158 -4.49 -15.69 -17.69
CA ILE A 158 -5.61 -16.27 -18.45
C ILE A 158 -6.61 -15.18 -18.78
N ALA A 159 -6.98 -14.39 -17.76
CA ALA A 159 -7.93 -13.30 -17.92
C ALA A 159 -7.46 -12.26 -18.93
N GLN A 160 -6.17 -11.98 -18.94
CA GLN A 160 -5.59 -11.01 -19.87
C GLN A 160 -5.67 -11.52 -21.31
N HIS A 161 -5.56 -12.84 -21.50
CA HIS A 161 -5.69 -13.41 -22.85
C HIS A 161 -7.10 -13.21 -23.38
N PHE A 162 -8.09 -13.66 -22.60
CA PHE A 162 -9.49 -13.60 -23.03
C PHE A 162 -10.11 -12.20 -22.92
N GLY A 163 -9.44 -11.29 -22.23
CA GLY A 163 -9.94 -9.93 -22.05
C GLY A 163 -11.19 -9.89 -21.17
N VAL A 164 -11.19 -10.68 -20.10
CA VAL A 164 -12.30 -10.73 -19.14
C VAL A 164 -11.83 -10.45 -17.71
N ASN A 165 -12.79 -10.18 -16.84
CA ASN A 165 -12.55 -10.01 -15.41
C ASN A 165 -11.90 -11.24 -14.80
N ALA A 166 -10.72 -11.06 -14.21
CA ALA A 166 -9.96 -12.17 -13.63
C ALA A 166 -10.68 -12.86 -12.49
N SER A 167 -11.57 -12.14 -11.81
CA SER A 167 -12.39 -12.74 -10.75
C SER A 167 -13.29 -13.85 -11.26
N ASP A 168 -13.59 -13.84 -12.56
CA ASP A 168 -14.43 -14.86 -13.19
C ASP A 168 -13.64 -16.03 -13.78
N VAL A 169 -12.32 -16.00 -13.64
CA VAL A 169 -11.47 -17.13 -13.99
C VAL A 169 -11.22 -17.96 -12.75
N SER A 170 -11.54 -19.25 -12.82
CA SER A 170 -11.18 -20.21 -11.79
C SER A 170 -9.91 -20.91 -12.27
N ALA A 171 -8.85 -20.83 -11.46
CA ALA A 171 -7.58 -21.45 -11.81
C ALA A 171 -6.73 -21.66 -10.56
N ASN A 172 -6.09 -22.83 -10.48
CA ASN A 172 -5.30 -23.22 -9.32
C ASN A 172 -3.86 -23.53 -9.69
N VAL A 173 -2.94 -23.08 -8.83
CA VAL A 173 -1.57 -23.52 -8.86
C VAL A 173 -1.32 -24.33 -7.59
N ILE A 174 -0.72 -25.50 -7.73
CA ILE A 174 -0.44 -26.37 -6.59
C ILE A 174 1.03 -26.80 -6.58
N GLY A 175 1.43 -27.48 -5.50
CA GLY A 175 2.81 -27.91 -5.32
C GLY A 175 3.63 -26.86 -4.59
N GLY A 176 4.95 -26.97 -4.70
CA GLY A 176 5.87 -26.07 -4.02
C GLY A 176 5.98 -24.73 -4.72
N HIS A 177 6.18 -23.67 -3.93
CA HIS A 177 6.37 -22.32 -4.45
C HIS A 177 7.79 -22.19 -5.00
N GLY A 178 7.99 -22.73 -6.20
CA GLY A 178 9.29 -22.74 -6.88
C GLY A 178 9.12 -23.05 -8.36
N ASP A 179 10.20 -23.40 -9.04
CA ASP A 179 10.12 -23.74 -10.47
C ASP A 179 9.19 -24.93 -10.75
N GLY A 180 9.14 -25.89 -9.83
CA GLY A 180 8.29 -27.10 -9.97
C GLY A 180 6.80 -26.87 -9.74
N MET A 181 6.45 -25.68 -9.28
CA MET A 181 5.08 -25.16 -9.24
C MET A 181 4.19 -25.68 -10.38
N VAL A 182 2.98 -26.15 -10.05
CA VAL A 182 2.09 -26.79 -11.04
C VAL A 182 0.79 -26.00 -11.24
N PRO A 183 0.75 -25.14 -12.27
CA PRO A 183 -0.52 -24.53 -12.67
C PRO A 183 -1.39 -25.57 -13.37
N ALA A 184 -2.49 -25.96 -12.72
CA ALA A 184 -3.30 -27.09 -13.18
C ALA A 184 -4.26 -26.68 -14.30
N THR A 185 -3.77 -26.68 -15.54
CA THR A 185 -4.57 -26.25 -16.69
C THR A 185 -5.87 -27.05 -16.84
N SER A 186 -5.85 -28.32 -16.42
CA SER A 186 -7.01 -29.21 -16.58
C SER A 186 -8.28 -28.71 -15.91
N SER A 187 -8.14 -28.01 -14.80
CA SER A 187 -9.29 -27.53 -14.02
C SER A 187 -9.48 -26.02 -14.13
N VAL A 188 -8.89 -25.39 -15.14
CA VAL A 188 -9.14 -23.98 -15.43
C VAL A 188 -10.52 -23.82 -16.06
N SER A 189 -11.26 -22.79 -15.64
CA SER A 189 -12.51 -22.43 -16.31
C SER A 189 -12.71 -20.91 -16.30
N VAL A 190 -13.36 -20.41 -17.34
CA VAL A 190 -13.71 -19.00 -17.45
C VAL A 190 -15.22 -18.89 -17.52
N GLY A 191 -15.85 -18.54 -16.39
CA GLY A 191 -17.30 -18.47 -16.31
C GLY A 191 -17.99 -19.79 -16.59
N GLY A 192 -17.33 -20.89 -16.23
CA GLY A 192 -17.86 -22.22 -16.47
C GLY A 192 -17.27 -22.95 -17.68
N VAL A 193 -16.67 -22.21 -18.60
CA VAL A 193 -16.13 -22.77 -19.84
C VAL A 193 -14.68 -23.26 -19.66
N PRO A 194 -14.42 -24.54 -19.89
CA PRO A 194 -13.06 -25.07 -19.76
C PRO A 194 -12.16 -24.69 -20.93
N LEU A 195 -10.85 -24.82 -20.74
CA LEU A 195 -9.88 -24.44 -21.78
C LEU A 195 -10.03 -25.29 -23.04
N SER A 196 -10.38 -26.57 -22.86
CA SER A 196 -10.61 -27.47 -24.00
C SER A 196 -11.62 -26.93 -24.99
N SER A 197 -12.68 -26.29 -24.49
CA SER A 197 -13.71 -25.70 -25.34
C SER A 197 -13.18 -24.50 -26.10
N PHE A 198 -12.45 -23.62 -25.41
CA PHE A 198 -11.86 -22.45 -26.03
C PHE A 198 -10.87 -22.82 -27.14
N ILE A 199 -10.20 -23.96 -26.98
CA ILE A 199 -9.30 -24.48 -28.01
C ILE A 199 -10.10 -24.86 -29.26
N LYS A 200 -11.17 -25.63 -29.09
CA LYS A 200 -12.08 -26.00 -30.20
C LYS A 200 -12.67 -24.78 -30.89
N GLN A 201 -12.99 -23.74 -30.12
CA GLN A 201 -13.60 -22.52 -30.65
C GLN A 201 -12.57 -21.61 -31.33
N GLY A 202 -11.29 -21.94 -31.22
CA GLY A 202 -10.24 -21.15 -31.85
C GLY A 202 -9.89 -19.87 -31.11
N LEU A 203 -10.28 -19.78 -29.85
CA LEU A 203 -10.06 -18.55 -29.07
C LEU A 203 -8.75 -18.58 -28.28
N ILE A 204 -8.20 -19.79 -28.05
CA ILE A 204 -6.89 -19.94 -27.45
C ILE A 204 -6.20 -21.22 -27.97
N THR A 205 -4.88 -21.17 -28.14
CA THR A 205 -4.13 -22.35 -28.56
C THR A 205 -3.41 -23.00 -27.38
N GLN A 206 -3.04 -24.26 -27.54
CA GLN A 206 -2.30 -24.98 -26.52
C GLN A 206 -0.93 -24.34 -26.26
N GLU A 207 -0.33 -23.77 -27.31
CA GLU A 207 0.95 -23.05 -27.16
C GLU A 207 0.78 -21.79 -26.31
N GLN A 208 -0.33 -21.07 -26.48
CA GLN A 208 -0.63 -19.91 -25.65
C GLN A 208 -0.84 -20.31 -24.19
N ILE A 209 -1.53 -21.43 -23.97
CA ILE A 209 -1.70 -21.99 -22.64
C ILE A 209 -0.35 -22.36 -22.01
N ASP A 210 0.54 -22.95 -22.80
CA ASP A 210 1.88 -23.31 -22.32
C ASP A 210 2.68 -22.06 -21.95
N GLU A 211 2.51 -20.99 -22.72
CA GLU A 211 3.18 -19.72 -22.45
C GLU A 211 2.69 -19.14 -21.12
N ILE A 212 1.38 -19.23 -20.89
CA ILE A 212 0.77 -18.76 -19.64
C ILE A 212 1.26 -19.57 -18.44
N VAL A 213 1.42 -20.88 -18.62
CA VAL A 213 1.95 -21.75 -17.58
C VAL A 213 3.39 -21.36 -17.24
N CYS A 214 4.21 -21.18 -18.27
CA CYS A 214 5.59 -20.75 -18.10
C CYS A 214 5.67 -19.38 -17.42
N HIS A 215 4.86 -18.43 -17.89
CA HIS A 215 4.80 -17.08 -17.32
C HIS A 215 4.48 -17.14 -15.82
N THR A 216 3.50 -17.96 -15.45
CA THR A 216 3.16 -18.18 -14.05
C THR A 216 4.37 -18.64 -13.25
N ARG A 217 5.12 -19.59 -13.80
CA ARG A 217 6.26 -20.19 -13.10
C ARG A 217 7.43 -19.23 -12.89
N ILE A 218 7.71 -18.38 -13.89
CA ILE A 218 8.82 -17.42 -13.81
C ILE A 218 8.39 -16.00 -13.44
N ALA A 219 7.11 -15.83 -13.08
CA ALA A 219 6.56 -14.51 -12.77
C ALA A 219 7.38 -13.72 -11.75
N TRP A 220 7.92 -14.40 -10.74
CA TRP A 220 8.67 -13.74 -9.68
C TRP A 220 9.90 -12.99 -10.21
N LYS A 221 10.60 -13.58 -11.18
CA LYS A 221 11.78 -12.95 -11.78
C LYS A 221 11.42 -11.76 -12.65
N GLU A 222 10.28 -11.84 -13.33
CA GLU A 222 9.82 -10.72 -14.17
C GLU A 222 9.62 -9.47 -13.33
N VAL A 223 9.00 -9.63 -12.17
CA VAL A 223 8.81 -8.52 -11.25
C VAL A 223 10.16 -8.11 -10.65
N ALA A 224 10.90 -9.08 -10.12
CA ALA A 224 12.16 -8.81 -9.42
C ALA A 224 13.19 -8.13 -10.31
N ASP A 225 13.31 -8.57 -11.56
CA ASP A 225 14.27 -7.98 -12.50
C ASP A 225 13.93 -6.53 -12.82
N ASN A 226 12.64 -6.19 -12.79
CA ASN A 226 12.21 -4.81 -13.02
C ASN A 226 12.42 -3.92 -11.80
N LEU A 227 12.04 -4.41 -10.62
CA LEU A 227 12.22 -3.64 -9.38
C LEU A 227 13.70 -3.44 -9.04
N LYS A 228 14.51 -4.47 -9.30
CA LYS A 228 15.97 -4.44 -9.10
C LYS A 228 16.41 -4.52 -7.63
N THR A 229 15.82 -3.69 -6.78
CA THR A 229 16.22 -3.65 -5.36
C THR A 229 15.55 -4.75 -4.51
N GLY A 230 14.66 -5.53 -5.09
CA GLY A 230 14.00 -6.60 -4.35
C GLY A 230 12.97 -7.39 -5.14
N THR A 231 12.25 -8.26 -4.43
CA THR A 231 11.22 -9.10 -5.03
C THR A 231 9.82 -8.48 -4.85
N ALA A 232 8.81 -9.11 -5.45
CA ALA A 232 7.43 -8.64 -5.39
C ALA A 232 6.97 -8.42 -3.95
N TYR A 233 6.15 -7.40 -3.73
CA TYR A 233 5.65 -7.14 -2.38
C TYR A 233 4.22 -6.61 -2.28
N PHE A 234 3.71 -5.95 -3.31
CA PHE A 234 2.31 -5.51 -3.32
C PHE A 234 1.31 -6.68 -3.31
N ALA A 235 1.47 -7.62 -4.24
CA ALA A 235 0.55 -8.76 -4.34
C ALA A 235 0.71 -9.77 -3.21
N PRO A 236 1.96 -10.10 -2.83
CA PRO A 236 2.14 -11.01 -1.69
C PRO A 236 1.52 -10.48 -0.39
N ALA A 237 1.59 -9.17 -0.19
CA ALA A 237 0.95 -8.54 0.97
C ALA A 237 -0.57 -8.74 0.90
N ALA A 238 -1.15 -8.37 -0.24
CA ALA A 238 -2.59 -8.51 -0.45
C ALA A 238 -3.03 -9.96 -0.23
N ALA A 239 -2.22 -10.91 -0.72
CA ALA A 239 -2.52 -12.34 -0.57
C ALA A 239 -2.56 -12.78 0.89
N ALA A 240 -1.59 -12.32 1.68
CA ALA A 240 -1.54 -12.61 3.12
C ALA A 240 -2.76 -12.06 3.85
N VAL A 241 -3.23 -10.89 3.42
CA VAL A 241 -4.41 -10.28 4.03
C VAL A 241 -5.65 -11.10 3.72
N LYS A 242 -5.79 -11.56 2.47
CA LYS A 242 -6.91 -12.44 2.11
C LYS A 242 -6.94 -13.68 2.98
N MET A 243 -5.78 -14.25 3.27
CA MET A 243 -5.69 -15.42 4.15
C MET A 243 -6.09 -15.08 5.58
N ALA A 244 -5.64 -13.93 6.08
CA ALA A 244 -6.02 -13.47 7.42
C ALA A 244 -7.53 -13.23 7.51
N GLU A 245 -8.12 -12.65 6.47
CA GLU A 245 -9.58 -12.44 6.41
C GLU A 245 -10.34 -13.75 6.57
N ALA A 246 -9.90 -14.78 5.83
CA ALA A 246 -10.55 -16.09 5.85
C ALA A 246 -10.61 -16.66 7.27
N TYR A 247 -9.52 -16.51 8.01
CA TYR A 247 -9.44 -17.01 9.38
C TYR A 247 -10.30 -16.17 10.32
N LEU A 248 -10.10 -14.87 10.28
CA LEU A 248 -10.73 -13.94 11.23
C LEU A 248 -12.25 -13.84 11.06
N LYS A 249 -12.72 -14.01 9.83
CA LYS A 249 -14.14 -13.94 9.52
C LYS A 249 -14.79 -15.33 9.35
N ASP A 250 -14.01 -16.39 9.58
CA ASP A 250 -14.51 -17.77 9.49
C ASP A 250 -15.23 -18.00 8.16
N LYS A 251 -14.56 -17.66 7.06
CA LYS A 251 -15.18 -17.67 5.74
C LYS A 251 -15.45 -19.06 5.16
N LYS A 252 -14.72 -20.07 5.63
CA LYS A 252 -14.65 -21.36 4.94
C LYS A 252 -14.25 -21.10 3.48
N ALA A 253 -13.27 -20.23 3.28
CA ALA A 253 -12.83 -19.85 1.95
C ALA A 253 -11.89 -20.90 1.39
N VAL A 254 -12.00 -21.14 0.10
CA VAL A 254 -11.11 -22.05 -0.59
C VAL A 254 -9.82 -21.29 -0.87
N VAL A 255 -8.74 -21.70 -0.22
CA VAL A 255 -7.48 -20.97 -0.29
C VAL A 255 -6.33 -21.90 -0.68
N PRO A 256 -5.78 -21.73 -1.89
CA PRO A 256 -4.57 -22.48 -2.17
C PRO A 256 -3.42 -21.91 -1.33
N CYS A 257 -2.83 -22.76 -0.50
CA CYS A 257 -1.70 -22.37 0.34
C CYS A 257 -0.88 -23.59 0.74
N SER A 258 0.32 -23.33 1.28
CA SER A 258 1.17 -24.41 1.76
C SER A 258 0.64 -24.92 3.09
N ALA A 259 0.04 -26.12 3.06
CA ALA A 259 -0.58 -26.70 4.24
C ALA A 259 -0.10 -28.13 4.44
N PHE A 260 -0.23 -28.63 5.66
CA PHE A 260 0.22 -29.99 5.98
C PHE A 260 -0.74 -31.00 5.34
N CYS A 261 -0.27 -31.62 4.26
CA CYS A 261 -1.07 -32.53 3.46
C CYS A 261 -0.76 -33.98 3.86
N SER A 262 -1.76 -34.65 4.45
CA SER A 262 -1.54 -35.95 5.07
C SER A 262 -2.19 -37.12 4.33
N ASN A 263 -3.43 -36.94 3.87
CA ASN A 263 -4.17 -38.02 3.21
C ASN A 263 -4.73 -37.60 1.86
N HIS A 264 -3.95 -36.82 1.12
CA HIS A 264 -4.39 -36.30 -0.19
C HIS A 264 -3.20 -36.23 -1.13
N TYR A 265 -3.49 -36.24 -2.44
CA TYR A 265 -2.48 -36.07 -3.48
C TYR A 265 -1.33 -37.10 -3.44
N GLY A 266 -1.58 -38.25 -2.81
CA GLY A 266 -0.60 -39.33 -2.73
C GLY A 266 0.59 -39.07 -1.83
N VAL A 267 0.48 -38.10 -0.91
CA VAL A 267 1.54 -37.79 0.04
C VAL A 267 1.07 -38.09 1.47
N LYS A 268 2.01 -38.43 2.34
CA LYS A 268 1.69 -38.97 3.67
C LYS A 268 1.92 -38.01 4.84
N GLY A 269 2.32 -36.77 4.55
CA GLY A 269 2.55 -35.78 5.60
C GLY A 269 3.62 -34.77 5.24
N ILE A 270 3.28 -33.86 4.34
CA ILE A 270 4.20 -32.84 3.86
C ILE A 270 3.49 -31.50 3.67
N TYR A 271 4.22 -30.40 3.90
CA TYR A 271 3.73 -29.07 3.58
C TYR A 271 3.96 -28.77 2.11
N MET A 272 2.87 -28.58 1.36
CA MET A 272 2.96 -28.13 -0.02
C MET A 272 1.68 -27.41 -0.42
N GLY A 273 1.73 -26.72 -1.56
CA GLY A 273 0.59 -26.00 -2.08
C GLY A 273 -0.58 -26.90 -2.44
N VAL A 274 -1.70 -26.70 -1.75
CA VAL A 274 -2.94 -27.44 -2.00
C VAL A 274 -4.14 -26.52 -1.77
N PRO A 275 -5.28 -26.78 -2.43
CA PRO A 275 -6.49 -26.04 -2.12
C PRO A 275 -7.03 -26.43 -0.74
N THR A 276 -7.07 -25.47 0.17
CA THR A 276 -7.56 -25.69 1.53
C THR A 276 -8.89 -24.99 1.74
N ILE A 277 -9.59 -25.38 2.80
CA ILE A 277 -10.67 -24.58 3.36
C ILE A 277 -10.14 -23.94 4.63
N ILE A 278 -10.18 -22.61 4.70
CA ILE A 278 -9.74 -21.88 5.90
C ILE A 278 -10.91 -21.22 6.62
N GLY A 279 -10.95 -21.42 7.93
CA GLY A 279 -11.95 -20.79 8.79
C GLY A 279 -11.38 -20.51 10.17
N LYS A 280 -12.26 -20.36 11.15
CA LYS A 280 -11.86 -20.00 12.52
C LYS A 280 -10.95 -21.02 13.21
N ASN A 281 -10.88 -22.24 12.68
CA ASN A 281 -9.95 -23.26 13.17
C ASN A 281 -8.71 -23.44 12.28
N GLY A 282 -8.41 -22.42 11.48
CA GLY A 282 -7.26 -22.45 10.59
C GLY A 282 -7.54 -23.28 9.36
N VAL A 283 -6.60 -24.15 8.99
CA VAL A 283 -6.78 -25.07 7.87
C VAL A 283 -7.74 -26.17 8.32
N GLU A 284 -8.95 -26.16 7.78
CA GLU A 284 -10.01 -27.06 8.23
C GLU A 284 -10.25 -28.26 7.30
N ASP A 285 -9.75 -28.18 6.07
CA ASP A 285 -9.88 -29.28 5.12
C ASP A 285 -8.99 -29.02 3.90
N ILE A 286 -8.73 -30.07 3.14
CA ILE A 286 -8.01 -29.96 1.87
C ILE A 286 -8.88 -30.56 0.76
N LEU A 287 -8.99 -29.84 -0.35
CA LEU A 287 -9.75 -30.30 -1.50
C LEU A 287 -8.84 -31.01 -2.48
N GLU A 288 -9.35 -32.06 -3.13
CA GLU A 288 -8.57 -32.86 -4.05
C GLU A 288 -8.99 -32.59 -5.49
N LEU A 289 -8.12 -31.89 -6.22
CA LEU A 289 -8.37 -31.57 -7.62
C LEU A 289 -8.29 -32.82 -8.50
N ASP A 290 -8.97 -32.77 -9.64
CA ASP A 290 -8.96 -33.83 -10.62
C ASP A 290 -7.76 -33.62 -11.54
N LEU A 291 -6.65 -34.27 -11.22
CA LEU A 291 -5.41 -34.09 -11.96
C LEU A 291 -5.24 -35.14 -13.06
N THR A 292 -4.70 -34.70 -14.19
CA THR A 292 -4.36 -35.61 -15.27
C THR A 292 -3.10 -36.37 -14.91
N PRO A 293 -2.86 -37.53 -15.57
CA PRO A 293 -1.61 -38.27 -15.37
C PRO A 293 -0.36 -37.40 -15.48
N LEU A 294 -0.32 -36.53 -16.50
CA LEU A 294 0.77 -35.58 -16.66
C LEU A 294 0.90 -34.64 -15.45
N GLU A 295 -0.23 -34.09 -15.00
CA GLU A 295 -0.22 -33.18 -13.85
C GLU A 295 0.19 -33.88 -12.55
N GLN A 296 -0.20 -35.14 -12.40
CA GLN A 296 0.23 -35.95 -11.26
C GLN A 296 1.74 -36.14 -11.26
N LYS A 297 2.32 -36.34 -12.45
CA LYS A 297 3.77 -36.49 -12.59
C LYS A 297 4.49 -35.17 -12.28
N LEU A 298 3.97 -34.07 -12.80
CA LEU A 298 4.54 -32.75 -12.52
C LEU A 298 4.48 -32.43 -11.03
N LEU A 299 3.38 -32.80 -10.38
CA LEU A 299 3.24 -32.62 -8.92
C LEU A 299 4.28 -33.48 -8.19
N GLY A 300 4.46 -34.72 -8.65
CA GLY A 300 5.50 -35.59 -8.11
C GLY A 300 6.88 -34.97 -8.16
N GLU A 301 7.20 -34.32 -9.28
CA GLU A 301 8.49 -33.64 -9.44
C GLU A 301 8.61 -32.44 -8.49
N SER A 302 7.52 -31.72 -8.27
CA SER A 302 7.48 -30.61 -7.31
C SER A 302 7.74 -31.10 -5.89
N ILE A 303 7.11 -32.21 -5.52
CA ILE A 303 7.30 -32.84 -4.21
C ILE A 303 8.76 -33.21 -3.98
N ASN A 304 9.43 -33.74 -5.01
CA ASN A 304 10.86 -34.08 -4.92
C ASN A 304 11.70 -32.85 -4.68
N GLU A 305 11.38 -31.79 -5.42
CA GLU A 305 12.03 -30.49 -5.27
C GLU A 305 11.96 -29.98 -3.83
N VAL A 306 10.77 -30.10 -3.24
CA VAL A 306 10.55 -29.68 -1.85
C VAL A 306 11.37 -30.53 -0.88
N ASN A 307 11.27 -31.85 -1.02
CA ASN A 307 12.03 -32.78 -0.17
C ASN A 307 13.53 -32.60 -0.26
N THR A 308 14.02 -32.26 -1.45
CA THR A 308 15.45 -32.06 -1.68
C THR A 308 15.98 -30.87 -0.88
N ILE A 309 15.29 -29.74 -0.97
CA ILE A 309 15.70 -28.53 -0.25
C ILE A 309 15.53 -28.73 1.26
N SER A 310 14.52 -29.50 1.63
CA SER A 310 14.28 -29.83 3.03
C SER A 310 15.41 -30.67 3.64
N LYS A 311 15.92 -31.63 2.87
CA LYS A 311 17.04 -32.46 3.33
C LYS A 311 18.32 -31.65 3.47
N VAL A 312 18.55 -30.75 2.51
CA VAL A 312 19.66 -29.81 2.59
C VAL A 312 19.62 -29.03 3.91
N LEU A 313 18.44 -28.54 4.28
CA LEU A 313 18.26 -27.81 5.53
C LEU A 313 18.55 -28.70 6.73
N ASP A 314 18.08 -29.94 6.69
CA ASP A 314 18.33 -30.91 7.77
C ASP A 314 19.83 -31.17 7.97
N ASN A 315 20.62 -30.99 6.91
CA ASN A 315 22.08 -31.11 6.97
C ASN A 315 22.78 -29.76 6.88
N ALA A 316 22.24 -28.77 7.59
CA ALA A 316 22.82 -27.42 7.62
C ALA A 316 23.96 -27.39 8.65
N PRO A 317 24.90 -26.44 8.48
CA PRO A 317 26.07 -26.38 9.38
C PRO A 317 25.72 -25.92 10.79
N MET B 1 -21.38 7.70 -23.87
CA MET B 1 -20.40 6.58 -23.80
C MET B 1 -19.75 6.54 -22.43
N ILE B 2 -19.89 5.41 -21.75
CA ILE B 2 -19.18 5.15 -20.51
C ILE B 2 -17.71 4.87 -20.84
N GLU B 3 -16.82 5.55 -20.14
CA GLU B 3 -15.39 5.32 -20.27
C GLU B 3 -14.78 5.13 -18.90
N ARG B 4 -13.75 4.29 -18.81
CA ARG B 4 -13.04 4.10 -17.55
C ARG B 4 -12.40 5.40 -17.11
N ARG B 5 -12.38 5.63 -15.79
CA ARG B 5 -11.67 6.77 -15.23
C ARG B 5 -10.18 6.44 -15.31
N LYS B 6 -9.36 7.47 -15.52
CA LYS B 6 -7.92 7.27 -15.70
C LYS B 6 -7.12 8.24 -14.85
N ILE B 7 -6.21 7.70 -14.05
CA ILE B 7 -5.32 8.48 -13.21
C ILE B 7 -3.87 8.21 -13.60
N ALA B 8 -3.15 9.27 -13.96
CA ALA B 8 -1.72 9.18 -14.23
C ALA B 8 -0.93 9.57 -12.98
N VAL B 9 0.01 8.72 -12.60
CA VAL B 9 0.89 8.97 -11.47
C VAL B 9 2.30 9.23 -11.99
N ILE B 10 2.73 10.49 -11.90
CA ILE B 10 4.02 10.91 -12.44
C ILE B 10 5.08 10.80 -11.36
N GLY B 11 5.92 9.77 -11.46
CA GLY B 11 6.90 9.43 -10.43
C GLY B 11 6.44 8.20 -9.67
N SER B 12 7.14 7.09 -9.89
CA SER B 12 6.74 5.79 -9.32
C SER B 12 7.63 5.37 -8.17
N GLY B 13 7.99 6.32 -7.32
CA GLY B 13 8.74 6.03 -6.11
C GLY B 13 7.82 5.60 -4.98
N GLN B 14 8.21 5.92 -3.76
CA GLN B 14 7.52 5.45 -2.56
C GLN B 14 6.03 5.81 -2.59
N ILE B 15 5.73 7.09 -2.84
CA ILE B 15 4.35 7.55 -2.80
C ILE B 15 3.58 7.10 -4.03
N GLY B 16 4.17 7.28 -5.21
CA GLY B 16 3.54 6.92 -6.47
C GLY B 16 3.04 5.49 -6.50
N GLY B 17 3.87 4.56 -6.05
CA GLY B 17 3.50 3.14 -6.04
C GLY B 17 2.32 2.88 -5.12
N ASN B 18 2.33 3.48 -3.94
CA ASN B 18 1.22 3.36 -3.00
C ASN B 18 -0.08 3.93 -3.53
N ILE B 19 -0.01 5.03 -4.25
CA ILE B 19 -1.19 5.61 -4.88
C ILE B 19 -1.81 4.60 -5.86
N ALA B 20 -0.96 3.99 -6.68
CA ALA B 20 -1.42 3.03 -7.69
C ALA B 20 -2.09 1.82 -7.02
N TYR B 21 -1.46 1.35 -5.95
CA TYR B 21 -1.95 0.24 -5.14
C TYR B 21 -3.36 0.48 -4.64
N ILE B 22 -3.58 1.64 -4.02
CA ILE B 22 -4.85 1.97 -3.37
C ILE B 22 -5.93 2.28 -4.41
N VAL B 23 -5.58 3.05 -5.43
CA VAL B 23 -6.49 3.38 -6.50
C VAL B 23 -7.00 2.07 -7.14
N GLY B 24 -6.08 1.15 -7.40
CA GLY B 24 -6.43 -0.18 -7.91
C GLY B 24 -7.32 -0.94 -6.96
N LYS B 25 -6.93 -0.99 -5.69
CA LYS B 25 -7.70 -1.70 -4.67
C LYS B 25 -9.15 -1.22 -4.62
N ASP B 26 -9.35 0.10 -4.67
CA ASP B 26 -10.69 0.69 -4.60
C ASP B 26 -11.42 0.66 -5.95
N ASN B 27 -10.75 0.24 -7.01
CA ASN B 27 -11.32 0.28 -8.36
C ASN B 27 -11.82 1.69 -8.72
N LEU B 28 -11.07 2.70 -8.27
CA LEU B 28 -11.44 4.09 -8.51
C LEU B 28 -11.17 4.49 -9.95
N ALA B 29 -10.12 3.91 -10.54
CA ALA B 29 -9.73 4.21 -11.92
C ALA B 29 -8.66 3.24 -12.42
N ASP B 30 -8.37 3.32 -13.71
CA ASP B 30 -7.14 2.75 -14.27
C ASP B 30 -5.98 3.67 -13.91
N VAL B 31 -4.79 3.08 -13.82
CA VAL B 31 -3.60 3.81 -13.41
C VAL B 31 -2.50 3.67 -14.45
N VAL B 32 -1.86 4.80 -14.75
CA VAL B 32 -0.62 4.82 -15.52
C VAL B 32 0.48 5.29 -14.59
N LEU B 33 1.42 4.40 -14.29
CA LEU B 33 2.60 4.73 -13.49
C LEU B 33 3.73 5.17 -14.41
N PHE B 34 4.09 6.44 -14.35
CA PHE B 34 5.14 7.02 -15.19
C PHE B 34 6.40 7.24 -14.35
N ASP B 35 7.55 6.92 -14.94
CA ASP B 35 8.84 7.26 -14.35
C ASP B 35 9.92 7.20 -15.42
N ILE B 36 10.99 7.98 -15.22
CA ILE B 36 12.14 7.92 -16.10
C ILE B 36 13.08 6.79 -15.69
N ALA B 37 13.03 6.39 -14.42
CA ALA B 37 13.86 5.29 -13.92
C ALA B 37 13.47 3.99 -14.59
N GLU B 38 14.47 3.27 -15.09
CA GLU B 38 14.24 2.05 -15.86
C GLU B 38 13.74 0.93 -14.96
N GLY B 39 12.69 0.23 -15.38
CA GLY B 39 12.20 -0.95 -14.67
C GLY B 39 11.22 -0.69 -13.54
N ILE B 40 11.44 0.38 -12.78
CA ILE B 40 10.68 0.63 -11.54
C ILE B 40 9.16 0.67 -11.77
N PRO B 41 8.68 1.56 -12.65
CA PRO B 41 7.23 1.64 -12.85
C PRO B 41 6.63 0.38 -13.47
N GLN B 42 7.41 -0.31 -14.29
CA GLN B 42 6.97 -1.55 -14.93
C GLN B 42 6.85 -2.65 -13.88
N GLY B 43 7.85 -2.74 -13.02
CA GLY B 43 7.86 -3.74 -11.95
C GLY B 43 6.73 -3.56 -10.94
N LYS B 44 6.50 -2.33 -10.51
CA LYS B 44 5.42 -2.04 -9.57
C LYS B 44 4.05 -2.28 -10.21
N ALA B 45 3.88 -1.86 -11.46
CA ALA B 45 2.62 -2.03 -12.18
C ALA B 45 2.24 -3.51 -12.33
N LEU B 46 3.23 -4.36 -12.62
CA LEU B 46 3.00 -5.80 -12.76
C LEU B 46 2.63 -6.44 -11.43
N ASP B 47 3.39 -6.07 -10.39
CA ASP B 47 3.15 -6.57 -9.04
C ASP B 47 1.74 -6.17 -8.58
N ILE B 48 1.40 -4.90 -8.74
CA ILE B 48 0.08 -4.40 -8.35
C ILE B 48 -1.03 -5.02 -9.21
N THR B 49 -0.76 -5.25 -10.48
CA THR B 49 -1.71 -5.95 -11.36
C THR B 49 -2.09 -7.32 -10.79
N HIS B 50 -1.11 -8.07 -10.29
CA HIS B 50 -1.36 -9.38 -9.71
C HIS B 50 -2.30 -9.33 -8.50
N SER B 51 -2.30 -8.20 -7.78
CA SER B 51 -3.14 -8.02 -6.60
C SER B 51 -4.59 -7.68 -6.94
N MET B 52 -4.85 -7.22 -8.16
CA MET B 52 -6.19 -6.73 -8.50
C MET B 52 -7.26 -7.80 -8.34
N VAL B 53 -6.99 -9.01 -8.80
CA VAL B 53 -7.93 -10.12 -8.64
C VAL B 53 -8.15 -10.48 -7.16
N MET B 54 -7.11 -10.30 -6.35
CA MET B 54 -7.24 -10.54 -4.90
C MET B 54 -8.21 -9.53 -4.28
N PHE B 55 -8.19 -8.30 -4.76
CA PHE B 55 -9.08 -7.25 -4.26
C PHE B 55 -10.44 -7.25 -4.95
N GLY B 56 -10.61 -8.05 -5.99
CA GLY B 56 -11.85 -8.06 -6.77
C GLY B 56 -12.02 -6.80 -7.60
N SER B 57 -10.90 -6.24 -8.07
CA SER B 57 -10.92 -5.02 -8.88
C SER B 57 -10.53 -5.34 -10.33
N THR B 58 -11.13 -4.61 -11.27
CA THR B 58 -10.79 -4.74 -12.69
C THR B 58 -9.95 -3.57 -13.20
N SER B 59 -9.45 -2.74 -12.29
CA SER B 59 -8.55 -1.64 -12.67
C SER B 59 -7.33 -2.18 -13.40
N LYS B 60 -6.97 -1.54 -14.52
CA LYS B 60 -5.71 -1.82 -15.19
C LYS B 60 -4.65 -0.89 -14.61
N VAL B 61 -3.44 -1.44 -14.40
CA VAL B 61 -2.32 -0.66 -13.91
C VAL B 61 -1.11 -0.99 -14.78
N ILE B 62 -0.62 0.01 -15.52
CA ILE B 62 0.54 -0.18 -16.39
C ILE B 62 1.68 0.78 -16.02
N GLY B 63 2.90 0.38 -16.38
CA GLY B 63 4.10 1.19 -16.15
C GLY B 63 4.64 1.69 -17.47
N THR B 64 5.24 2.89 -17.46
CA THR B 64 5.74 3.50 -18.70
C THR B 64 6.78 4.60 -18.44
N ASN B 65 7.50 4.95 -19.51
CA ASN B 65 8.39 6.12 -19.50
C ASN B 65 8.05 7.06 -20.65
N ASP B 66 6.83 6.94 -21.17
CA ASP B 66 6.40 7.69 -22.35
C ASP B 66 5.15 8.50 -21.99
N TYR B 67 5.26 9.83 -22.09
CA TYR B 67 4.15 10.73 -21.77
C TYR B 67 2.92 10.52 -22.66
N ALA B 68 3.11 9.92 -23.84
CA ALA B 68 1.99 9.61 -24.72
C ALA B 68 0.97 8.69 -24.03
N ASP B 69 1.44 7.89 -23.07
CA ASP B 69 0.59 6.95 -22.34
C ASP B 69 -0.31 7.62 -21.28
N ILE B 70 -0.03 8.87 -20.91
CA ILE B 70 -0.93 9.59 -19.98
C ILE B 70 -2.02 10.34 -20.72
N SER B 71 -2.10 10.14 -22.03
CA SER B 71 -3.18 10.69 -22.86
C SER B 71 -4.55 10.37 -22.29
N GLY B 72 -5.42 11.37 -22.25
CA GLY B 72 -6.79 11.20 -21.77
C GLY B 72 -6.92 10.93 -20.28
N SER B 73 -5.91 11.29 -19.50
CA SER B 73 -5.95 11.10 -18.05
C SER B 73 -6.90 12.12 -17.42
N ASP B 74 -7.79 11.64 -16.55
CA ASP B 74 -8.74 12.50 -15.86
C ASP B 74 -8.05 13.25 -14.72
N VAL B 75 -7.17 12.55 -14.02
CA VAL B 75 -6.39 13.13 -12.93
C VAL B 75 -4.91 12.81 -13.15
N VAL B 76 -4.05 13.78 -12.86
CA VAL B 76 -2.61 13.58 -12.88
C VAL B 76 -2.08 13.92 -11.50
N ILE B 77 -1.32 12.99 -10.91
CA ILE B 77 -0.75 13.20 -9.58
C ILE B 77 0.77 13.18 -9.69
N ILE B 78 1.40 14.27 -9.26
CA ILE B 78 2.84 14.47 -9.47
C ILE B 78 3.62 14.19 -8.19
N THR B 79 4.37 13.09 -8.17
CA THR B 79 5.26 12.77 -7.06
C THR B 79 6.75 12.86 -7.46
N ALA B 80 7.01 13.17 -8.72
CA ALA B 80 8.39 13.17 -9.25
C ALA B 80 9.28 14.14 -8.46
N SER B 81 10.44 13.66 -8.04
CA SER B 81 11.43 14.52 -7.36
C SER B 81 12.84 13.94 -7.43
N ILE B 82 13.82 14.77 -7.09
CA ILE B 82 15.21 14.33 -6.98
C ILE B 82 15.39 13.47 -5.73
N PRO B 83 16.35 12.52 -5.76
CA PRO B 83 16.54 11.62 -4.62
C PRO B 83 17.08 12.32 -3.37
N GLY B 84 16.99 11.64 -2.23
CA GLY B 84 17.49 12.15 -0.96
C GLY B 84 16.43 12.93 -0.19
N ARG B 85 16.29 12.63 1.10
CA ARG B 85 15.32 13.32 1.96
C ARG B 85 15.85 14.69 2.43
N PRO B 86 14.94 15.58 2.84
CA PRO B 86 15.36 16.84 3.45
C PRO B 86 15.88 16.63 4.87
N LYS B 87 16.96 17.32 5.22
CA LYS B 87 17.55 17.20 6.56
C LYS B 87 16.77 18.02 7.58
N ASP B 88 16.57 19.31 7.27
CA ASP B 88 15.89 20.25 8.18
C ASP B 88 14.62 20.85 7.56
N ASP B 89 14.70 21.27 6.31
CA ASP B 89 13.61 21.97 5.64
C ASP B 89 13.32 21.37 4.26
N ARG B 90 12.04 21.38 3.88
CA ARG B 90 11.58 20.84 2.59
C ARG B 90 12.08 21.65 1.38
N SER B 91 12.48 22.90 1.63
CA SER B 91 12.90 23.82 0.57
C SER B 91 14.26 23.52 -0.04
N GLU B 92 15.02 22.62 0.57
CA GLU B 92 16.35 22.22 0.07
C GLU B 92 16.31 21.61 -1.33
N LEU B 93 15.14 21.10 -1.74
CA LEU B 93 14.96 20.41 -3.02
C LEU B 93 14.50 21.35 -4.16
N LEU B 94 14.50 22.66 -3.90
CA LEU B 94 13.82 23.65 -4.75
C LEU B 94 14.17 23.57 -6.23
N PHE B 95 15.43 23.81 -6.57
CA PHE B 95 15.83 23.96 -7.97
C PHE B 95 15.74 22.67 -8.77
N GLY B 96 16.16 21.55 -8.16
CA GLY B 96 16.09 20.26 -8.83
C GLY B 96 14.67 19.90 -9.24
N ASN B 97 13.74 19.96 -8.29
CA ASN B 97 12.34 19.58 -8.53
C ASN B 97 11.62 20.53 -9.48
N ALA B 98 12.03 21.81 -9.49
CA ALA B 98 11.50 22.78 -10.43
C ALA B 98 11.79 22.37 -11.88
N ARG B 99 13.01 21.88 -12.11
CA ARG B 99 13.41 21.41 -13.44
C ARG B 99 12.56 20.21 -13.84
N ILE B 100 12.34 19.30 -12.89
CA ILE B 100 11.53 18.09 -13.14
C ILE B 100 10.11 18.45 -13.56
N LEU B 101 9.47 19.35 -12.80
CA LEU B 101 8.09 19.74 -13.09
C LEU B 101 7.91 20.45 -14.43
N ASP B 102 8.98 21.02 -14.98
CA ASP B 102 8.93 21.59 -16.33
C ASP B 102 8.64 20.50 -17.35
N SER B 103 9.31 19.35 -17.19
CA SER B 103 9.09 18.19 -18.07
C SER B 103 7.65 17.69 -17.93
N VAL B 104 7.19 17.57 -16.69
CA VAL B 104 5.83 17.10 -16.42
C VAL B 104 4.81 18.08 -17.01
N ALA B 105 5.07 19.38 -16.82
CA ALA B 105 4.19 20.43 -17.34
C ALA B 105 3.98 20.33 -18.85
N GLU B 106 5.07 20.13 -19.60
CA GLU B 106 4.99 20.02 -21.06
C GLU B 106 4.32 18.72 -21.48
N GLY B 107 4.51 17.66 -20.70
CA GLY B 107 3.85 16.38 -20.95
C GLY B 107 2.34 16.49 -20.80
N VAL B 108 1.90 17.07 -19.69
CA VAL B 108 0.48 17.22 -19.40
C VAL B 108 -0.18 18.18 -20.40
N LYS B 109 0.49 19.30 -20.68
CA LYS B 109 0.02 20.28 -21.64
C LYS B 109 -0.21 19.67 -23.02
N LYS B 110 0.69 18.78 -23.44
CA LYS B 110 0.57 18.13 -24.73
C LYS B 110 -0.50 17.04 -24.74
N TYR B 111 -0.48 16.15 -23.75
CA TYR B 111 -1.25 14.90 -23.83
C TYR B 111 -2.55 14.85 -23.00
N CYS B 112 -2.64 15.62 -21.93
CA CYS B 112 -3.89 15.67 -21.14
C CYS B 112 -4.10 17.04 -20.47
N PRO B 113 -4.34 18.08 -21.29
CA PRO B 113 -4.49 19.45 -20.77
C PRO B 113 -5.79 19.70 -20.00
N ASN B 114 -6.78 18.82 -20.14
CA ASN B 114 -8.03 18.95 -19.39
C ASN B 114 -8.01 18.21 -18.05
N ALA B 115 -6.86 17.65 -17.69
CA ALA B 115 -6.73 16.85 -16.47
C ALA B 115 -6.78 17.72 -15.22
N PHE B 116 -7.26 17.13 -14.13
CA PHE B 116 -7.14 17.71 -12.79
C PHE B 116 -5.79 17.29 -12.25
N VAL B 117 -4.98 18.26 -11.85
CA VAL B 117 -3.61 17.98 -11.43
C VAL B 117 -3.46 18.20 -9.92
N ILE B 118 -2.92 17.19 -9.27
CA ILE B 118 -2.65 17.24 -7.83
C ILE B 118 -1.15 17.07 -7.64
N CYS B 119 -0.48 18.16 -7.26
CA CYS B 119 0.96 18.12 -7.04
C CYS B 119 1.26 17.67 -5.63
N ILE B 120 2.28 16.82 -5.49
CA ILE B 120 2.75 16.39 -4.18
C ILE B 120 4.22 16.78 -3.95
N THR B 121 4.99 16.83 -5.04
CA THR B 121 6.42 17.19 -4.98
C THR B 121 6.68 18.42 -4.10
N ASN B 122 7.65 18.30 -3.19
CA ASN B 122 8.07 19.41 -2.33
C ASN B 122 9.10 20.30 -3.05
N PRO B 123 9.22 21.58 -2.65
CA PRO B 123 8.39 22.30 -1.67
C PRO B 123 7.01 22.60 -2.25
N LEU B 124 5.99 22.03 -1.61
CA LEU B 124 4.66 21.86 -2.20
C LEU B 124 4.04 23.13 -2.79
N ASP B 125 3.87 24.15 -1.97
CA ASP B 125 3.14 25.35 -2.37
C ASP B 125 3.79 26.08 -3.54
N VAL B 126 5.13 26.13 -3.52
CA VAL B 126 5.89 26.78 -4.59
C VAL B 126 5.87 25.92 -5.85
N MET B 127 6.02 24.61 -5.69
CA MET B 127 5.97 23.68 -6.82
C MET B 127 4.61 23.75 -7.53
N VAL B 128 3.53 23.86 -6.76
CA VAL B 128 2.19 23.96 -7.33
C VAL B 128 2.06 25.22 -8.17
N SER B 129 2.51 26.34 -7.61
CA SER B 129 2.50 27.62 -8.31
C SER B 129 3.33 27.55 -9.58
N HIS B 130 4.51 26.93 -9.47
CA HIS B 130 5.40 26.76 -10.62
C HIS B 130 4.73 25.93 -11.72
N PHE B 131 4.16 24.79 -11.35
CA PHE B 131 3.55 23.90 -12.33
C PHE B 131 2.41 24.60 -13.09
N GLN B 132 1.64 25.39 -12.38
CA GLN B 132 0.50 26.09 -13.00
C GLN B 132 0.98 27.09 -14.05
N LYS B 133 2.00 27.86 -13.71
CA LYS B 133 2.59 28.85 -14.62
C LYS B 133 3.13 28.21 -15.88
N VAL B 134 4.00 27.21 -15.71
CA VAL B 134 4.67 26.58 -16.85
C VAL B 134 3.70 25.80 -17.73
N SER B 135 2.73 25.14 -17.11
CA SER B 135 1.78 24.28 -17.83
C SER B 135 0.68 25.08 -18.50
N GLY B 136 0.29 26.20 -17.88
CA GLY B 136 -0.78 27.04 -18.40
C GLY B 136 -2.19 26.50 -18.16
N LEU B 137 -2.32 25.48 -17.33
CA LEU B 137 -3.64 24.93 -16.99
C LEU B 137 -4.41 25.91 -16.10
N PRO B 138 -5.74 25.87 -16.16
CA PRO B 138 -6.57 26.71 -15.30
C PRO B 138 -6.20 26.58 -13.82
N HIS B 139 -6.28 27.68 -13.08
CA HIS B 139 -5.94 27.71 -11.66
C HIS B 139 -6.75 26.69 -10.85
N ASN B 140 -8.03 26.56 -11.18
CA ASN B 140 -8.95 25.66 -10.48
C ASN B 140 -8.72 24.16 -10.79
N LYS B 141 -7.96 23.87 -11.83
CA LYS B 141 -7.65 22.49 -12.20
C LYS B 141 -6.27 22.07 -11.72
N VAL B 142 -5.62 22.92 -10.93
CA VAL B 142 -4.28 22.65 -10.41
C VAL B 142 -4.22 22.99 -8.93
N CYS B 143 -3.88 22.02 -8.11
CA CYS B 143 -3.74 22.22 -6.67
C CYS B 143 -2.66 21.29 -6.14
N GLY B 144 -2.36 21.42 -4.85
CA GLY B 144 -1.35 20.59 -4.21
C GLY B 144 -1.88 19.89 -2.98
N MET B 145 -1.39 18.67 -2.76
CA MET B 145 -1.72 17.90 -1.57
C MET B 145 -0.81 18.29 -0.42
N ALA B 146 -1.40 18.72 0.69
CA ALA B 146 -0.68 19.03 1.92
C ALA B 146 -1.62 19.10 3.11
N GLY B 147 -2.64 19.96 2.99
CA GLY B 147 -3.62 20.16 4.05
C GLY B 147 -4.28 18.88 4.55
N VAL B 148 -4.62 17.97 3.64
CA VAL B 148 -5.24 16.70 4.03
C VAL B 148 -4.30 15.92 4.94
N LEU B 149 -3.02 15.86 4.56
CA LEU B 149 -2.02 15.19 5.39
C LEU B 149 -1.80 15.91 6.73
N ASP B 150 -1.61 17.23 6.68
CA ASP B 150 -1.40 18.01 7.90
C ASP B 150 -2.62 17.99 8.81
N SER B 151 -3.80 18.22 8.24
CA SER B 151 -5.05 18.15 9.00
C SER B 151 -5.29 16.75 9.56
N SER B 152 -4.99 15.71 8.79
CA SER B 152 -5.15 14.33 9.25
C SER B 152 -4.27 14.06 10.47
N ARG B 153 -3.04 14.55 10.43
CA ARG B 153 -2.13 14.45 11.58
C ARG B 153 -2.68 15.21 12.79
N PHE B 154 -3.15 16.42 12.54
CA PHE B 154 -3.74 17.28 13.57
C PHE B 154 -4.95 16.59 14.22
N ARG B 155 -5.86 16.08 13.38
CA ARG B 155 -7.03 15.33 13.86
C ARG B 155 -6.65 14.09 14.66
N THR B 156 -5.66 13.37 14.17
CA THR B 156 -5.19 12.13 14.82
C THR B 156 -4.66 12.42 16.22
N PHE B 157 -3.88 13.49 16.36
CA PHE B 157 -3.27 13.83 17.67
C PHE B 157 -4.31 14.32 18.67
N ILE B 158 -5.27 15.11 18.19
CA ILE B 158 -6.40 15.54 19.04
C ILE B 158 -7.21 14.31 19.49
N ALA B 159 -7.50 13.42 18.55
CA ALA B 159 -8.28 12.20 18.83
C ALA B 159 -7.58 11.30 19.84
N GLN B 160 -6.26 11.20 19.75
CA GLN B 160 -5.48 10.40 20.68
C GLN B 160 -5.52 10.96 22.10
N HIS B 161 -5.55 12.29 22.23
CA HIS B 161 -5.70 12.89 23.56
C HIS B 161 -7.03 12.51 24.19
N PHE B 162 -8.12 12.70 23.45
CA PHE B 162 -9.46 12.44 23.99
C PHE B 162 -9.88 10.97 23.95
N GLY B 163 -9.12 10.13 23.25
CA GLY B 163 -9.43 8.70 23.17
C GLY B 163 -10.67 8.40 22.35
N VAL B 164 -10.86 9.16 21.27
CA VAL B 164 -12.04 9.01 20.40
C VAL B 164 -11.62 8.75 18.95
N ASN B 165 -12.60 8.34 18.15
CA ASN B 165 -12.41 8.14 16.71
C ASN B 165 -12.00 9.44 16.02
N ALA B 166 -10.84 9.44 15.37
CA ALA B 166 -10.32 10.61 14.68
C ALA B 166 -11.29 11.15 13.61
N SER B 167 -12.09 10.26 13.01
CA SER B 167 -13.10 10.69 12.03
C SER B 167 -14.15 11.63 12.63
N ASP B 168 -14.32 11.60 13.95
CA ASP B 168 -15.26 12.47 14.64
C ASP B 168 -14.58 13.73 15.20
N VAL B 169 -13.35 13.98 14.77
CA VAL B 169 -12.67 15.24 15.05
C VAL B 169 -12.68 16.06 13.77
N SER B 170 -13.18 17.30 13.88
CA SER B 170 -13.08 18.27 12.79
C SER B 170 -11.92 19.21 13.11
N ALA B 171 -10.96 19.34 12.19
CA ALA B 171 -9.79 20.19 12.42
C ALA B 171 -9.08 20.51 11.10
N ASN B 172 -8.65 21.77 10.98
CA ASN B 172 -7.99 22.25 9.77
C ASN B 172 -6.59 22.78 10.05
N VAL B 173 -5.66 22.46 9.16
CA VAL B 173 -4.36 23.11 9.10
C VAL B 173 -4.37 23.93 7.82
N ILE B 174 -3.99 25.20 7.91
CA ILE B 174 -3.97 26.09 6.75
C ILE B 174 -2.58 26.72 6.58
N GLY B 175 -2.42 27.44 5.48
CA GLY B 175 -1.13 28.07 5.16
C GLY B 175 -0.20 27.10 4.47
N GLY B 176 1.07 27.49 4.36
CA GLY B 176 2.05 26.71 3.61
C GLY B 176 2.41 25.40 4.28
N HIS B 177 2.76 24.40 3.47
CA HIS B 177 3.20 23.11 3.97
C HIS B 177 4.65 23.21 4.41
N GLY B 178 4.85 23.69 5.64
CA GLY B 178 6.18 23.86 6.21
C GLY B 178 6.10 24.11 7.70
N ASP B 179 7.16 24.65 8.28
CA ASP B 179 7.16 24.98 9.71
C ASP B 179 6.13 26.05 10.04
N GLY B 180 5.83 26.92 9.08
CA GLY B 180 4.86 27.98 9.27
C GLY B 180 3.39 27.59 9.12
N MET B 181 3.10 26.29 8.96
CA MET B 181 1.72 25.82 8.85
C MET B 181 0.94 26.20 10.10
N VAL B 182 -0.35 26.50 9.91
CA VAL B 182 -1.20 26.93 11.02
C VAL B 182 -2.29 25.89 11.33
N PRO B 183 -2.05 25.03 12.33
CA PRO B 183 -3.15 24.24 12.86
C PRO B 183 -4.13 25.15 13.61
N ALA B 184 -5.23 25.48 12.94
CA ALA B 184 -6.21 26.43 13.46
C ALA B 184 -6.98 25.83 14.63
N THR B 185 -6.48 26.06 15.85
CA THR B 185 -7.10 25.49 17.05
C THR B 185 -8.49 26.04 17.33
N SER B 186 -8.78 27.24 16.81
CA SER B 186 -10.13 27.80 16.92
C SER B 186 -11.14 27.05 16.04
N SER B 187 -10.66 26.36 15.00
CA SER B 187 -11.52 25.59 14.11
C SER B 187 -11.87 24.20 14.66
N VAL B 188 -11.20 23.79 15.74
CA VAL B 188 -11.27 22.41 16.21
C VAL B 188 -12.57 22.10 16.93
N SER B 189 -13.15 20.95 16.62
CA SER B 189 -14.26 20.41 17.40
C SER B 189 -14.21 18.89 17.46
N VAL B 190 -14.70 18.32 18.56
CA VAL B 190 -14.79 16.87 18.73
C VAL B 190 -16.24 16.51 19.02
N GLY B 191 -16.95 16.05 17.99
CA GLY B 191 -18.37 15.74 18.12
C GLY B 191 -19.22 16.95 18.42
N GLY B 192 -18.83 18.11 17.88
CA GLY B 192 -19.53 19.37 18.13
C GLY B 192 -18.98 20.20 19.28
N VAL B 193 -18.11 19.61 20.11
CA VAL B 193 -17.57 20.30 21.28
C VAL B 193 -16.24 21.00 20.94
N PRO B 194 -16.16 22.31 21.15
CA PRO B 194 -14.93 23.04 20.86
C PRO B 194 -13.89 22.91 21.97
N LEU B 195 -12.62 23.21 21.66
CA LEU B 195 -11.55 23.08 22.64
C LEU B 195 -11.73 23.99 23.86
N SER B 196 -12.32 25.17 23.66
CA SER B 196 -12.61 26.09 24.77
C SER B 196 -13.48 25.42 25.83
N SER B 197 -14.48 24.64 25.38
CA SER B 197 -15.34 23.90 26.30
C SER B 197 -14.59 22.79 27.01
N PHE B 198 -13.68 22.11 26.32
CA PHE B 198 -12.88 21.05 26.94
C PHE B 198 -11.91 21.59 27.99
N ILE B 199 -11.41 22.80 27.79
CA ILE B 199 -10.56 23.47 28.79
C ILE B 199 -11.39 23.74 30.03
N LYS B 200 -12.53 24.41 29.87
CA LYS B 200 -13.46 24.69 30.97
C LYS B 200 -13.85 23.43 31.73
N GLN B 201 -14.05 22.33 31.00
CA GLN B 201 -14.46 21.06 31.61
C GLN B 201 -13.29 20.31 32.26
N GLY B 202 -12.07 20.81 32.09
CA GLY B 202 -10.89 20.18 32.69
C GLY B 202 -10.50 18.87 32.01
N LEU B 203 -10.79 18.76 30.72
CA LEU B 203 -10.46 17.56 29.95
C LEU B 203 -9.25 17.78 29.04
N ILE B 204 -8.76 19.02 28.98
CA ILE B 204 -7.52 19.34 28.27
C ILE B 204 -6.99 20.69 28.77
N THR B 205 -5.66 20.83 28.80
CA THR B 205 -5.02 22.08 29.18
C THR B 205 -4.49 22.79 27.95
N GLN B 206 -4.19 24.08 28.09
CA GLN B 206 -3.63 24.85 26.98
C GLN B 206 -2.25 24.32 26.57
N GLU B 207 -1.47 23.89 27.56
CA GLU B 207 -0.15 23.31 27.31
C GLU B 207 -0.25 22.07 26.42
N GLN B 208 -1.22 21.21 26.70
CA GLN B 208 -1.48 20.01 25.89
C GLN B 208 -1.90 20.37 24.47
N ILE B 209 -2.70 21.42 24.33
CA ILE B 209 -3.09 21.93 23.02
C ILE B 209 -1.87 22.45 22.26
N ASP B 210 -1.01 23.20 22.96
CA ASP B 210 0.22 23.72 22.37
C ASP B 210 1.11 22.58 21.89
N GLU B 211 1.20 21.52 22.69
CA GLU B 211 2.00 20.34 22.32
C GLU B 211 1.47 19.69 21.04
N ILE B 212 0.14 19.57 20.94
CA ILE B 212 -0.50 19.00 19.76
C ILE B 212 -0.22 19.83 18.51
N VAL B 213 -0.32 21.15 18.66
CA VAL B 213 0.00 22.09 17.58
C VAL B 213 1.44 21.93 17.11
N CYS B 214 2.37 21.80 18.06
CA CYS B 214 3.78 21.61 17.76
C CYS B 214 4.00 20.26 17.07
N HIS B 215 3.44 19.20 17.65
CA HIS B 215 3.52 17.85 17.09
C HIS B 215 3.14 17.83 15.61
N THR B 216 2.01 18.48 15.28
CA THR B 216 1.54 18.59 13.91
C THR B 216 2.58 19.17 12.96
N ARG B 217 3.22 20.26 13.39
CA ARG B 217 4.15 20.99 12.53
C ARG B 217 5.45 20.24 12.23
N ILE B 218 5.89 19.40 13.16
CA ILE B 218 7.12 18.63 13.00
C ILE B 218 6.89 17.12 12.83
N ALA B 219 5.64 16.74 12.59
CA ALA B 219 5.26 15.33 12.44
C ALA B 219 6.05 14.62 11.34
N TRP B 220 6.36 15.33 10.26
CA TRP B 220 7.12 14.75 9.15
C TRP B 220 8.50 14.24 9.58
N LYS B 221 9.15 14.98 10.49
CA LYS B 221 10.48 14.61 10.99
C LYS B 221 10.43 13.36 11.84
N GLU B 222 9.40 13.25 12.68
CA GLU B 222 9.21 12.08 13.54
C GLU B 222 9.17 10.80 12.69
N VAL B 223 8.47 10.86 11.56
CA VAL B 223 8.38 9.72 10.64
C VAL B 223 9.73 9.51 9.94
N ALA B 224 10.24 10.57 9.31
CA ALA B 224 11.50 10.50 8.55
C ALA B 224 12.68 10.02 9.39
N ASP B 225 12.80 10.50 10.62
CA ASP B 225 13.86 10.06 11.53
C ASP B 225 13.82 8.55 11.76
N ASN B 226 12.62 7.98 11.79
CA ASN B 226 12.46 6.55 12.03
C ASN B 226 12.60 5.68 10.77
N LEU B 227 12.13 6.19 9.63
CA LEU B 227 12.25 5.47 8.35
C LEU B 227 13.71 5.34 7.87
N LYS B 228 14.48 6.40 8.06
CA LYS B 228 15.90 6.46 7.66
C LYS B 228 16.14 6.52 6.13
N THR B 229 15.44 5.69 5.36
CA THR B 229 15.61 5.68 3.91
C THR B 229 14.90 6.83 3.18
N GLY B 230 13.96 7.52 3.85
CA GLY B 230 13.27 8.66 3.22
C GLY B 230 12.17 9.26 4.08
N THR B 231 11.24 9.98 3.43
CA THR B 231 10.14 10.65 4.12
C THR B 231 8.83 9.85 4.06
N ALA B 232 7.80 10.34 4.74
CA ALA B 232 6.50 9.65 4.82
C ALA B 232 5.93 9.37 3.44
N TYR B 233 5.21 8.27 3.29
CA TYR B 233 4.67 7.89 1.97
C TYR B 233 3.35 7.09 1.97
N PHE B 234 3.02 6.43 3.08
CA PHE B 234 1.73 5.74 3.20
C PHE B 234 0.57 6.73 3.30
N ALA B 235 0.69 7.68 4.23
CA ALA B 235 -0.36 8.69 4.44
C ALA B 235 -0.44 9.75 3.34
N PRO B 236 0.71 10.23 2.82
CA PRO B 236 0.64 11.15 1.69
C PRO B 236 -0.03 10.54 0.45
N ALA B 237 0.21 9.26 0.19
CA ALA B 237 -0.44 8.56 -0.90
C ALA B 237 -1.95 8.53 -0.69
N ALA B 238 -2.38 8.13 0.50
CA ALA B 238 -3.80 8.08 0.85
C ALA B 238 -4.48 9.43 0.71
N ALA B 239 -3.78 10.49 1.11
CA ALA B 239 -4.31 11.85 1.00
C ALA B 239 -4.59 12.23 -0.45
N ALA B 240 -3.66 11.91 -1.33
CA ALA B 240 -3.84 12.22 -2.76
C ALA B 240 -5.02 11.47 -3.33
N VAL B 241 -5.23 10.23 -2.90
CA VAL B 241 -6.37 9.44 -3.37
C VAL B 241 -7.68 10.07 -2.91
N LYS B 242 -7.74 10.53 -1.66
CA LYS B 242 -8.94 11.22 -1.17
C LYS B 242 -9.29 12.43 -2.04
N MET B 243 -8.26 13.18 -2.45
CA MET B 243 -8.45 14.35 -3.32
C MET B 243 -8.91 13.93 -4.71
N ALA B 244 -8.31 12.87 -5.26
CA ALA B 244 -8.73 12.33 -6.55
C ALA B 244 -10.18 11.85 -6.50
N GLU B 245 -10.56 11.21 -5.40
CA GLU B 245 -11.95 10.77 -5.17
C GLU B 245 -12.95 11.92 -5.25
N ALA B 246 -12.63 13.00 -4.55
CA ALA B 246 -13.51 14.16 -4.51
C ALA B 246 -13.81 14.68 -5.92
N TYR B 247 -12.79 14.66 -6.77
CA TYR B 247 -12.91 15.12 -8.16
C TYR B 247 -13.70 14.13 -9.00
N LEU B 248 -13.26 12.89 -8.99
CA LEU B 248 -13.87 11.85 -9.83
C LEU B 248 -15.32 11.51 -9.48
N LYS B 249 -15.67 11.64 -8.19
CA LYS B 249 -17.03 11.37 -7.72
C LYS B 249 -17.88 12.65 -7.59
N ASP B 250 -17.30 13.80 -7.91
CA ASP B 250 -17.99 15.10 -7.78
C ASP B 250 -18.62 15.25 -6.40
N LYS B 251 -17.80 15.03 -5.37
CA LYS B 251 -18.29 14.96 -4.00
C LYS B 251 -18.75 16.29 -3.41
N LYS B 252 -18.21 17.40 -3.92
CA LYS B 252 -18.35 18.71 -3.28
C LYS B 252 -17.80 18.62 -1.85
N ALA B 253 -16.63 17.99 -1.73
CA ALA B 253 -16.03 17.69 -0.44
C ALA B 253 -15.14 18.84 0.03
N VAL B 254 -15.12 19.06 1.34
CA VAL B 254 -14.25 20.05 1.96
C VAL B 254 -12.83 19.48 2.03
N VAL B 255 -11.93 20.03 1.22
CA VAL B 255 -10.58 19.51 1.11
C VAL B 255 -9.57 20.63 1.38
N PRO B 256 -8.88 20.58 2.54
CA PRO B 256 -7.79 21.51 2.74
C PRO B 256 -6.62 21.17 1.83
N CYS B 257 -6.30 22.07 0.92
CA CYS B 257 -5.22 21.85 -0.05
C CYS B 257 -4.65 23.18 -0.52
N SER B 258 -3.48 23.11 -1.16
CA SER B 258 -2.82 24.29 -1.70
C SER B 258 -3.51 24.72 -3.00
N ALA B 259 -4.32 25.77 -2.91
CA ALA B 259 -5.15 26.22 -4.02
C ALA B 259 -5.00 27.71 -4.28
N PHE B 260 -5.35 28.14 -5.49
CA PHE B 260 -5.18 29.54 -5.88
C PHE B 260 -6.20 30.41 -5.15
N CYS B 261 -5.71 31.08 -4.10
CA CYS B 261 -6.53 31.94 -3.27
C CYS B 261 -6.43 33.37 -3.82
N SER B 262 -7.52 33.88 -4.38
CA SER B 262 -7.50 35.20 -5.04
C SER B 262 -8.22 36.29 -4.24
N ASN B 263 -9.29 35.94 -3.52
CA ASN B 263 -10.05 36.92 -2.74
C ASN B 263 -10.53 36.37 -1.40
N HIS B 264 -9.63 35.68 -0.69
CA HIS B 264 -9.91 35.18 0.66
C HIS B 264 -8.66 35.28 1.51
N TYR B 265 -8.83 35.28 2.82
CA TYR B 265 -7.71 35.34 3.78
C TYR B 265 -6.75 36.53 3.56
N GLY B 266 -7.26 37.61 2.99
CA GLY B 266 -6.49 38.82 2.76
C GLY B 266 -5.32 38.68 1.81
N VAL B 267 -5.46 37.84 0.78
CA VAL B 267 -4.44 37.72 -0.27
C VAL B 267 -5.07 37.92 -1.65
N LYS B 268 -4.24 38.26 -2.63
CA LYS B 268 -4.71 38.72 -3.94
C LYS B 268 -4.66 37.66 -5.05
N GLY B 269 -3.73 36.70 -4.94
CA GLY B 269 -3.59 35.67 -5.96
C GLY B 269 -2.39 34.78 -5.70
N ILE B 270 -2.54 33.86 -4.76
CA ILE B 270 -1.43 33.00 -4.31
C ILE B 270 -1.91 31.58 -4.03
N TYR B 271 -1.03 30.62 -4.25
CA TYR B 271 -1.26 29.23 -3.85
C TYR B 271 -0.86 29.02 -2.40
N MET B 272 -1.83 28.64 -1.57
CA MET B 272 -1.56 28.30 -0.17
C MET B 272 -2.64 27.36 0.39
N GLY B 273 -2.34 26.76 1.53
CA GLY B 273 -3.26 25.81 2.16
C GLY B 273 -4.52 26.48 2.65
N VAL B 274 -5.65 26.13 2.02
CA VAL B 274 -6.97 26.65 2.39
C VAL B 274 -8.05 25.57 2.25
N PRO B 275 -9.15 25.68 3.03
CA PRO B 275 -10.25 24.73 2.88
C PRO B 275 -11.03 24.98 1.59
N THR B 276 -10.95 24.03 0.67
CA THR B 276 -11.62 24.16 -0.62
C THR B 276 -12.83 23.24 -0.70
N ILE B 277 -13.67 23.50 -1.70
CA ILE B 277 -14.70 22.55 -2.13
C ILE B 277 -14.22 21.98 -3.46
N ILE B 278 -14.02 20.66 -3.50
CA ILE B 278 -13.61 19.98 -4.73
C ILE B 278 -14.74 19.11 -5.28
N GLY B 279 -14.98 19.26 -6.58
CA GLY B 279 -15.94 18.44 -7.31
C GLY B 279 -15.48 18.26 -8.74
N LYS B 280 -16.42 18.02 -9.65
CA LYS B 280 -16.09 17.71 -11.05
C LYS B 280 -15.41 18.86 -11.81
N ASN B 281 -15.46 20.08 -11.28
CA ASN B 281 -14.80 21.22 -11.91
C ASN B 281 -13.51 21.63 -11.19
N GLY B 282 -12.93 20.70 -10.44
CA GLY B 282 -11.70 20.96 -9.70
C GLY B 282 -11.99 21.72 -8.43
N VAL B 283 -11.15 22.71 -8.12
CA VAL B 283 -11.37 23.56 -6.96
C VAL B 283 -12.51 24.53 -7.28
N GLU B 284 -13.69 24.26 -6.71
CA GLU B 284 -14.91 24.98 -7.05
C GLU B 284 -15.20 26.13 -6.08
N ASP B 285 -14.53 26.15 -4.93
CA ASP B 285 -14.77 27.17 -3.93
C ASP B 285 -13.69 27.16 -2.85
N ILE B 286 -13.64 28.23 -2.06
CA ILE B 286 -12.77 28.30 -0.90
C ILE B 286 -13.57 28.80 0.30
N LEU B 287 -13.45 28.11 1.43
CA LEU B 287 -14.19 28.49 2.63
C LEU B 287 -13.34 29.41 3.50
N GLU B 288 -14.01 30.36 4.15
CA GLU B 288 -13.34 31.33 5.02
C GLU B 288 -13.55 30.95 6.48
N LEU B 289 -12.49 30.44 7.11
CA LEU B 289 -12.52 30.09 8.53
C LEU B 289 -12.57 31.35 9.40
N ASP B 290 -13.10 31.18 10.61
CA ASP B 290 -13.21 32.27 11.59
C ASP B 290 -11.94 32.33 12.43
N LEU B 291 -10.88 32.88 11.85
CA LEU B 291 -9.56 32.90 12.49
C LEU B 291 -9.44 34.00 13.55
N THR B 292 -8.71 33.70 14.62
CA THR B 292 -8.41 34.70 15.66
C THR B 292 -7.31 35.62 15.16
N PRO B 293 -7.09 36.75 15.86
CA PRO B 293 -5.97 37.64 15.50
C PRO B 293 -4.60 36.93 15.49
N LEU B 294 -4.32 36.10 16.47
CA LEU B 294 -3.07 35.33 16.51
C LEU B 294 -2.93 34.44 15.27
N GLU B 295 -4.01 33.76 14.90
CA GLU B 295 -4.02 32.87 13.75
C GLU B 295 -3.89 33.63 12.43
N GLN B 296 -4.47 34.83 12.37
CA GLN B 296 -4.32 35.71 11.20
C GLN B 296 -2.86 36.12 11.01
N LYS B 297 -2.19 36.43 12.12
CA LYS B 297 -0.78 36.81 12.09
C LYS B 297 0.09 35.62 11.69
N LEU B 298 -0.13 34.47 12.34
CA LEU B 298 0.57 33.23 12.00
C LEU B 298 0.41 32.90 10.52
N LEU B 299 -0.80 33.07 9.99
CA LEU B 299 -1.05 32.86 8.56
C LEU B 299 -0.27 33.85 7.70
N GLY B 300 -0.20 35.09 8.16
CA GLY B 300 0.58 36.13 7.47
C GLY B 300 2.04 35.78 7.36
N GLU B 301 2.61 35.27 8.45
CA GLU B 301 4.00 34.79 8.46
C GLU B 301 4.21 33.66 7.45
N SER B 302 3.25 32.73 7.40
CA SER B 302 3.29 31.62 6.45
C SER B 302 3.28 32.10 5.00
N ILE B 303 2.41 33.07 4.71
CA ILE B 303 2.31 33.64 3.37
C ILE B 303 3.63 34.25 2.90
N ASN B 304 4.31 34.97 3.80
CA ASN B 304 5.60 35.58 3.49
C ASN B 304 6.69 34.51 3.29
N GLU B 305 6.71 33.53 4.18
CA GLU B 305 7.61 32.38 4.07
C GLU B 305 7.47 31.68 2.71
N VAL B 306 6.23 31.55 2.24
CA VAL B 306 5.95 30.99 0.91
C VAL B 306 6.45 31.92 -0.19
N ASN B 307 6.15 33.22 -0.06
CA ASN B 307 6.57 34.22 -1.04
C ASN B 307 8.09 34.33 -1.15
N THR B 308 8.78 34.21 -0.01
CA THR B 308 10.23 34.24 0.01
C THR B 308 10.81 33.17 -0.92
N ILE B 309 10.40 31.93 -0.69
CA ILE B 309 10.92 30.79 -1.45
C ILE B 309 10.52 30.90 -2.93
N SER B 310 9.34 31.46 -3.18
CA SER B 310 8.86 31.65 -4.54
C SER B 310 9.71 32.66 -5.34
N LYS B 311 10.15 33.72 -4.68
CA LYS B 311 10.98 34.75 -5.32
C LYS B 311 12.36 34.22 -5.68
N VAL B 312 12.91 33.37 -4.83
CA VAL B 312 14.21 32.73 -5.08
C VAL B 312 14.14 31.90 -6.37
N LEU B 313 13.03 31.22 -6.58
CA LEU B 313 12.82 30.42 -7.79
C LEU B 313 12.69 31.30 -9.04
N ASP B 314 12.10 32.48 -8.88
CA ASP B 314 11.95 33.43 -9.98
C ASP B 314 13.29 34.02 -10.43
N ASN B 315 14.25 34.07 -9.52
CA ASN B 315 15.60 34.58 -9.80
C ASN B 315 16.58 33.42 -10.03
N ALA B 316 16.28 32.59 -11.02
CA ALA B 316 17.09 31.42 -11.32
C ALA B 316 18.34 31.82 -12.11
N PRO B 317 19.33 30.91 -12.23
CA PRO B 317 20.58 31.20 -12.95
C PRO B 317 20.35 31.79 -14.35
#